data_3ZJ0
#
_entry.id   3ZJ0
#
_cell.length_a   65.055
_cell.length_b   65.055
_cell.length_c   92.008
_cell.angle_alpha   90.00
_cell.angle_beta   90.00
_cell.angle_gamma   120.00
#
_symmetry.space_group_name_H-M   'P 32 2 1'
#
loop_
_entity.id
_entity.type
_entity.pdbx_description
1 polymer ACETYLTRANSFERASE
2 non-polymer 'ACETYL COENZYME *A'
3 non-polymer 1,2-ETHANEDIOL
4 non-polymer 'CHLORIDE ION'
5 water water
#
_entity_poly.entity_id   1
_entity_poly.type   'polypeptide(L)'
_entity_poly.pdbx_seq_one_letter_code
;MASEVVIRRATAADHGDLCRVCLLTGDSGRDASSREDDPTLLGMIYAVPYQVGAPDFAFVLEDAEGVCGYLLGAPDTLSF
QHFLEKEWLPPLRAGLTDPGPDPAAWQGSDWARDAIHRPPALPPIDLAAYPAHGHIDLLPRAQGRGVGSRAMDHLEAALA
AAGAPGMHLQVSPENPRALGFYEHRGFRELCRSEDEVVVGRRLLDE
;
_entity_poly.pdbx_strand_id   A
#
# COMPACT_ATOMS: atom_id res chain seq x y z
N SER A 3 -18.14 -15.74 8.58
CA SER A 3 -16.67 -15.53 8.63
C SER A 3 -15.96 -15.73 7.28
N GLU A 4 -16.64 -16.25 6.25
CA GLU A 4 -15.95 -16.56 4.96
C GLU A 4 -15.55 -15.32 4.20
N VAL A 5 -14.27 -15.25 3.79
CA VAL A 5 -13.75 -14.07 3.09
C VAL A 5 -13.30 -14.52 1.70
N VAL A 6 -13.71 -13.81 0.65
CA VAL A 6 -13.27 -14.11 -0.69
C VAL A 6 -12.41 -13.00 -1.24
N ILE A 7 -11.60 -13.35 -2.23
CA ILE A 7 -10.78 -12.36 -2.95
C ILE A 7 -11.49 -12.06 -4.24
N ARG A 8 -11.77 -10.79 -4.53
CA ARG A 8 -12.50 -10.40 -5.70
C ARG A 8 -11.71 -9.31 -6.43
N ARG A 9 -11.77 -9.29 -7.75
CA ARG A 9 -11.14 -8.15 -8.47
C ARG A 9 -11.73 -6.82 -8.04
N ALA A 10 -10.88 -5.81 -7.82
CA ALA A 10 -11.36 -4.49 -7.41
C ALA A 10 -11.88 -3.70 -8.62
N THR A 11 -12.79 -2.77 -8.35
CA THR A 11 -13.39 -1.89 -9.36
C THR A 11 -13.34 -0.43 -8.86
N ALA A 12 -13.66 0.54 -9.72
CA ALA A 12 -13.65 1.92 -9.24
C ALA A 12 -14.74 2.13 -8.24
N ALA A 13 -15.77 1.30 -8.29
CA ALA A 13 -16.83 1.40 -7.28
C ALA A 13 -16.31 1.12 -5.88
N ASP A 14 -15.14 0.44 -5.78
CA ASP A 14 -14.50 0.14 -4.51
C ASP A 14 -13.61 1.24 -3.96
N HIS A 15 -13.40 2.33 -4.70
CA HIS A 15 -12.44 3.34 -4.24
C HIS A 15 -12.74 3.84 -2.84
N GLY A 16 -14.01 4.12 -2.58
CA GLY A 16 -14.39 4.60 -1.27
C GLY A 16 -14.00 3.62 -0.21
N ASP A 17 -14.26 2.34 -0.42
CA ASP A 17 -13.89 1.32 0.55
C ASP A 17 -12.36 1.19 0.66
N LEU A 18 -11.64 1.27 -0.46
CA LEU A 18 -10.19 1.28 -0.36
C LEU A 18 -9.72 2.38 0.60
N CYS A 19 -10.26 3.58 0.46
CA CYS A 19 -9.77 4.70 1.27
C CYS A 19 -10.10 4.48 2.73
N ARG A 20 -11.28 3.96 2.97
CA ARG A 20 -11.72 3.64 4.34
C ARG A 20 -10.79 2.64 4.99
N VAL A 21 -10.52 1.52 4.30
CA VAL A 21 -9.59 0.54 4.83
C VAL A 21 -8.19 1.14 5.03
N CYS A 22 -7.77 1.93 4.06
CA CYS A 22 -6.46 2.58 4.19
C CYS A 22 -6.40 3.43 5.46
N LEU A 23 -7.42 4.24 5.69
CA LEU A 23 -7.45 5.12 6.87
C LEU A 23 -7.44 4.29 8.14
N LEU A 24 -8.31 3.27 8.18
CA LEU A 24 -8.45 2.43 9.38
C LEU A 24 -7.24 1.57 9.72
N THR A 25 -6.25 1.49 8.82
CA THR A 25 -5.01 0.76 9.09
C THR A 25 -3.71 1.56 8.85
N GLY A 26 -3.85 2.88 8.67
CA GLY A 26 -2.74 3.66 8.14
C GLY A 26 -1.75 4.20 9.14
N ASP A 27 -2.03 3.98 10.41
CA ASP A 27 -1.08 4.33 11.46
C ASP A 27 -0.32 3.06 11.88
N SER A 28 0.74 2.74 11.13
CA SER A 28 1.48 1.51 11.38
C SER A 28 0.55 0.31 11.58
N GLY A 29 -0.50 0.22 10.78
CA GLY A 29 -1.40 -0.94 10.84
C GLY A 29 -2.65 -0.70 11.66
N ARG A 30 -2.66 0.40 12.40
CA ARG A 30 -3.79 0.75 13.28
C ARG A 30 -4.54 1.97 12.77
N ASP A 31 -5.68 2.25 13.39
CA ASP A 31 -6.58 3.30 12.90
C ASP A 31 -5.91 4.68 12.93
N ALA A 32 -5.91 5.37 11.79
CA ALA A 32 -5.26 6.68 11.68
C ALA A 32 -6.28 7.82 11.67
N SER A 33 -7.54 7.48 11.87
CA SER A 33 -8.62 8.46 11.72
C SER A 33 -8.40 9.69 12.58
N SER A 34 -7.92 9.47 13.79
CA SER A 34 -7.79 10.58 14.73
C SER A 34 -6.62 11.47 14.38
N ARG A 35 -5.76 11.01 13.48
CA ARG A 35 -4.51 11.71 13.21
C ARG A 35 -4.60 12.58 11.92
N GLU A 36 -5.49 12.19 11.00
CA GLU A 36 -5.58 12.84 9.72
C GLU A 36 -6.70 13.87 9.69
N ASP A 37 -6.46 15.00 9.03
CA ASP A 37 -7.53 16.00 8.91
C ASP A 37 -8.34 15.77 7.64
N ASP A 38 -7.78 15.01 6.69
CA ASP A 38 -8.50 14.64 5.47
C ASP A 38 -8.55 13.12 5.41
N PRO A 39 -9.75 12.54 5.54
CA PRO A 39 -9.88 11.10 5.65
C PRO A 39 -9.57 10.35 4.33
N THR A 40 -9.38 11.08 3.24
CA THR A 40 -9.23 10.45 1.90
C THR A 40 -7.82 10.47 1.35
N LEU A 41 -6.97 11.38 1.84
CA LEU A 41 -5.67 11.56 1.23
C LEU A 41 -4.87 10.28 1.30
N LEU A 42 -4.90 9.63 2.46
CA LEU A 42 -4.11 8.44 2.63
C LEU A 42 -4.40 7.44 1.51
N GLY A 43 -5.68 7.12 1.34
CA GLY A 43 -6.07 6.13 0.33
C GLY A 43 -5.84 6.63 -1.08
N MET A 44 -5.91 7.94 -1.26
CA MET A 44 -5.67 8.52 -2.60
C MET A 44 -4.22 8.46 -2.99
N ILE A 45 -3.34 8.40 -1.99
CA ILE A 45 -1.89 8.28 -2.22
C ILE A 45 -1.46 6.83 -2.31
N TYR A 46 -1.99 6.00 -1.42
CA TYR A 46 -1.46 4.66 -1.23
C TYR A 46 -2.32 3.50 -1.71
N ALA A 47 -3.59 3.74 -2.00
CA ALA A 47 -4.46 2.58 -2.32
C ALA A 47 -5.14 2.77 -3.65
N VAL A 48 -5.94 3.83 -3.75
CA VAL A 48 -6.63 4.08 -5.03
C VAL A 48 -5.76 4.00 -6.29
N PRO A 49 -4.56 4.61 -6.29
CA PRO A 49 -3.78 4.53 -7.54
C PRO A 49 -3.39 3.14 -7.96
N TYR A 50 -3.31 2.19 -7.02
CA TYR A 50 -3.08 0.82 -7.46
C TYR A 50 -4.24 0.32 -8.35
N GLN A 51 -5.47 0.59 -7.95
CA GLN A 51 -6.59 0.16 -8.80
C GLN A 51 -6.61 0.90 -10.15
N VAL A 52 -6.26 2.19 -10.16
CA VAL A 52 -6.41 2.96 -11.38
C VAL A 52 -5.23 2.63 -12.29
N GLY A 53 -4.05 2.50 -11.69
CA GLY A 53 -2.83 2.33 -12.48
C GLY A 53 -2.44 0.91 -12.78
N ALA A 54 -2.89 -0.03 -11.94
CA ALA A 54 -2.55 -1.44 -12.07
C ALA A 54 -3.77 -2.29 -11.77
N PRO A 55 -4.87 -2.06 -12.51
CA PRO A 55 -6.15 -2.68 -12.21
C PRO A 55 -6.09 -4.20 -12.22
N ASP A 56 -5.18 -4.78 -12.99
CA ASP A 56 -5.13 -6.26 -13.05
C ASP A 56 -4.56 -6.92 -11.80
N PHE A 57 -4.02 -6.13 -10.87
CA PHE A 57 -3.38 -6.67 -9.68
C PHE A 57 -4.00 -6.05 -8.42
N ALA A 58 -5.17 -5.44 -8.57
CA ALA A 58 -5.90 -4.86 -7.42
C ALA A 58 -7.11 -5.74 -7.05
N PHE A 59 -7.17 -6.14 -5.78
CA PHE A 59 -8.28 -7.01 -5.31
C PHE A 59 -8.81 -6.48 -4.02
N VAL A 60 -10.08 -6.75 -3.74
CA VAL A 60 -10.60 -6.55 -2.40
C VAL A 60 -10.86 -7.91 -1.72
N LEU A 61 -10.88 -7.88 -0.41
CA LEU A 61 -11.31 -9.05 0.39
C LEU A 61 -12.71 -8.66 0.83
N GLU A 62 -13.65 -9.59 0.70
CA GLU A 62 -15.03 -9.28 0.98
C GLU A 62 -15.66 -10.43 1.77
N ASP A 63 -16.44 -10.09 2.79
CA ASP A 63 -17.18 -11.11 3.49
C ASP A 63 -18.67 -10.73 3.42
N ALA A 64 -19.51 -11.42 4.20
CA ALA A 64 -20.93 -11.11 4.17
C ALA A 64 -21.23 -9.62 4.52
N GLU A 65 -20.37 -8.98 5.29
CA GLU A 65 -20.63 -7.60 5.73
C GLU A 65 -20.18 -6.57 4.67
N GLY A 66 -19.30 -7.03 3.77
CA GLY A 66 -18.82 -6.20 2.68
C GLY A 66 -17.30 -6.23 2.59
N VAL A 67 -16.73 -5.16 2.04
CA VAL A 67 -15.28 -5.11 1.88
C VAL A 67 -14.55 -5.07 3.21
N CYS A 68 -13.68 -6.06 3.45
CA CYS A 68 -13.01 -6.15 4.73
C CYS A 68 -11.50 -6.04 4.60
N GLY A 69 -11.01 -5.65 3.41
CA GLY A 69 -9.57 -5.47 3.25
C GLY A 69 -9.27 -5.27 1.78
N TYR A 70 -7.99 -5.11 1.47
CA TYR A 70 -7.61 -5.03 0.05
C TYR A 70 -6.25 -5.61 -0.08
N LEU A 71 -5.90 -5.88 -1.32
CA LEU A 71 -4.68 -6.59 -1.62
C LEU A 71 -4.30 -5.96 -2.95
N LEU A 72 -3.18 -5.22 -2.98
CA LEU A 72 -2.91 -4.38 -4.16
C LEU A 72 -1.47 -4.57 -4.59
N GLY A 73 -1.26 -4.77 -5.87
CA GLY A 73 0.12 -4.96 -6.34
C GLY A 73 0.45 -4.24 -7.64
N ALA A 74 1.75 -4.19 -7.92
CA ALA A 74 2.23 -3.71 -9.19
C ALA A 74 3.41 -4.58 -9.59
N PRO A 75 3.39 -5.09 -10.81
CA PRO A 75 4.41 -6.03 -11.16
C PRO A 75 5.77 -5.37 -11.46
N ASP A 76 5.75 -4.07 -11.72
CA ASP A 76 7.01 -3.41 -12.10
C ASP A 76 7.06 -1.99 -11.54
N THR A 77 8.08 -1.73 -10.74
CA THR A 77 8.21 -0.49 -10.02
C THR A 77 8.38 0.65 -11.01
N LEU A 78 9.23 0.49 -12.03
CA LEU A 78 9.48 1.62 -12.93
C LEU A 78 8.19 2.04 -13.66
N SER A 79 7.45 1.04 -14.17
N SER A 79 7.45 1.07 -14.16
CA SER A 79 6.20 1.25 -14.89
CA SER A 79 6.25 1.35 -14.93
C SER A 79 5.24 2.02 -14.01
C SER A 79 5.20 2.00 -14.02
N PHE A 80 5.09 1.53 -12.79
CA PHE A 80 4.10 2.14 -11.88
C PHE A 80 4.52 3.56 -11.47
N GLN A 81 5.82 3.82 -11.33
CA GLN A 81 6.24 5.20 -11.08
C GLN A 81 5.90 6.11 -12.23
N HIS A 82 6.01 5.62 -13.46
CA HIS A 82 5.63 6.44 -14.62
C HIS A 82 4.17 6.85 -14.51
N PHE A 83 3.34 5.87 -14.18
CA PHE A 83 1.92 6.17 -13.96
C PHE A 83 1.71 7.21 -12.86
N LEU A 84 2.36 7.08 -11.69
CA LEU A 84 2.27 8.03 -10.61
C LEU A 84 2.75 9.41 -11.06
N GLU A 85 3.92 9.44 -11.70
CA GLU A 85 4.49 10.74 -12.02
C GLU A 85 3.71 11.48 -13.07
N LYS A 86 3.18 10.77 -14.06
CA LYS A 86 2.55 11.44 -15.19
C LYS A 86 1.02 11.51 -15.11
N GLU A 87 0.39 10.59 -14.36
CA GLU A 87 -1.08 10.44 -14.51
C GLU A 87 -1.84 10.54 -13.22
N TRP A 88 -1.14 10.53 -12.09
CA TRP A 88 -1.82 10.52 -10.80
C TRP A 88 -1.38 11.68 -9.93
N LEU A 89 -0.06 11.84 -9.76
CA LEU A 89 0.38 12.92 -8.89
C LEU A 89 -0.02 14.31 -9.45
N PRO A 90 0.09 14.52 -10.77
CA PRO A 90 -0.28 15.86 -11.25
C PRO A 90 -1.74 16.30 -10.94
N PRO A 91 -2.74 15.47 -11.25
CA PRO A 91 -4.09 15.93 -10.81
C PRO A 91 -4.20 16.03 -9.29
N LEU A 92 -3.54 15.13 -8.54
CA LEU A 92 -3.56 15.22 -7.09
C LEU A 92 -3.02 16.54 -6.56
N ARG A 93 -2.00 17.07 -7.25
CA ARG A 93 -1.38 18.34 -6.88
C ARG A 93 -2.20 19.58 -7.22
N ALA A 94 -3.14 19.45 -8.15
CA ALA A 94 -3.86 20.63 -8.61
C ALA A 94 -4.64 21.26 -7.47
N GLY A 95 -4.39 22.53 -7.19
CA GLY A 95 -5.11 23.20 -6.10
C GLY A 95 -4.76 22.72 -4.72
N LEU A 96 -3.74 21.87 -4.60
CA LEU A 96 -3.44 21.24 -3.32
C LEU A 96 -2.55 22.13 -2.44
N THR A 97 -3.02 22.47 -1.25
CA THR A 97 -2.27 23.28 -0.29
CA THR A 97 -2.23 23.34 -0.38
C THR A 97 -0.92 22.66 0.02
N ASP A 98 0.12 23.48 0.05
CA ASP A 98 1.47 23.02 0.35
C ASP A 98 1.85 23.51 1.74
N PRO A 99 1.99 22.60 2.70
CA PRO A 99 2.18 23.04 4.07
C PRO A 99 3.64 23.38 4.31
N GLY A 100 4.41 23.45 3.23
CA GLY A 100 5.84 23.70 3.33
C GLY A 100 6.68 22.46 3.61
N PRO A 101 7.97 22.54 3.32
CA PRO A 101 8.84 21.37 3.36
C PRO A 101 9.36 21.11 4.77
N ASP A 102 9.11 22.01 5.72
CA ASP A 102 9.55 21.79 7.10
C ASP A 102 8.58 21.01 7.99
N PRO A 103 8.99 19.83 8.43
CA PRO A 103 8.05 18.96 9.10
C PRO A 103 7.62 19.53 10.41
N ALA A 104 8.30 20.59 10.86
CA ALA A 104 8.11 21.10 12.22
C ALA A 104 6.78 21.81 12.36
N ALA A 105 6.28 22.39 11.25
CA ALA A 105 5.02 23.14 11.28
C ALA A 105 3.79 22.30 10.90
N TRP A 106 4.00 21.07 10.46
CA TRP A 106 2.87 20.27 9.96
C TRP A 106 1.86 19.87 11.04
N GLN A 107 0.57 19.88 10.68
CA GLN A 107 -0.49 19.27 11.48
C GLN A 107 -1.36 18.30 10.66
N GLY A 108 -2.03 17.39 11.35
CA GLY A 108 -2.95 16.47 10.70
C GLY A 108 -2.37 15.80 9.46
N SER A 109 -2.99 16.02 8.31
CA SER A 109 -2.59 15.35 7.06
C SER A 109 -1.53 16.11 6.26
N ASP A 110 -0.92 17.12 6.87
CA ASP A 110 0.11 17.89 6.19
C ASP A 110 1.29 17.04 5.71
N TRP A 111 1.64 15.99 6.43
CA TRP A 111 2.72 15.11 5.96
C TRP A 111 2.34 14.52 4.60
N ALA A 112 1.05 14.29 4.42
CA ALA A 112 0.54 13.65 3.20
C ALA A 112 0.53 14.65 2.05
N ARG A 113 0.20 15.91 2.33
CA ARG A 113 0.29 16.93 1.32
C ARG A 113 1.74 17.08 0.83
N ASP A 114 2.69 17.02 1.75
CA ASP A 114 4.09 17.23 1.38
C ASP A 114 4.55 16.05 0.54
N ALA A 115 4.06 14.87 0.90
CA ALA A 115 4.44 13.63 0.19
C ALA A 115 3.94 13.70 -1.23
N ILE A 116 2.78 14.35 -1.41
CA ILE A 116 2.27 14.54 -2.77
C ILE A 116 3.09 15.57 -3.57
N HIS A 117 3.37 16.71 -2.97
CA HIS A 117 4.12 17.74 -3.68
C HIS A 117 5.59 17.30 -3.95
N ARG A 118 6.12 16.58 -2.99
CA ARG A 118 7.55 16.17 -3.01
C ARG A 118 7.69 14.71 -2.58
N PRO A 119 7.50 13.79 -3.52
CA PRO A 119 7.42 12.41 -3.12
C PRO A 119 8.79 11.94 -2.63
N PRO A 120 8.80 10.98 -1.71
CA PRO A 120 10.08 10.40 -1.25
C PRO A 120 10.82 9.65 -2.34
N ALA A 121 12.15 9.56 -2.21
CA ALA A 121 12.90 8.73 -3.14
C ALA A 121 12.49 7.28 -2.92
N LEU A 122 12.71 6.43 -3.92
CA LEU A 122 12.49 5.01 -3.66
C LEU A 122 13.51 4.46 -2.64
N PRO A 123 13.18 3.37 -1.95
CA PRO A 123 14.09 2.87 -0.91
C PRO A 123 15.37 2.26 -1.48
N PRO A 124 16.41 2.15 -0.64
CA PRO A 124 17.72 1.70 -1.11
C PRO A 124 17.76 0.18 -1.21
N ILE A 125 17.13 -0.36 -2.25
CA ILE A 125 17.04 -1.80 -2.42
C ILE A 125 17.33 -2.12 -3.86
N ASP A 126 17.45 -3.42 -4.16
CA ASP A 126 17.79 -3.88 -5.50
C ASP A 126 16.51 -4.05 -6.34
N LEU A 127 16.18 -3.05 -7.15
CA LEU A 127 14.90 -3.08 -7.85
C LEU A 127 14.88 -4.10 -8.99
N ALA A 128 16.04 -4.54 -9.49
CA ALA A 128 16.06 -5.62 -10.48
C ALA A 128 15.68 -6.97 -9.88
N ALA A 129 16.07 -7.18 -8.63
CA ALA A 129 15.79 -8.44 -7.96
C ALA A 129 14.35 -8.43 -7.41
N TYR A 130 13.84 -7.23 -7.08
CA TYR A 130 12.52 -7.09 -6.42
C TYR A 130 11.67 -6.01 -7.09
N PRO A 131 11.40 -6.16 -8.39
CA PRO A 131 10.74 -5.12 -9.18
C PRO A 131 9.29 -4.93 -8.82
N ALA A 132 8.61 -5.97 -8.30
CA ALA A 132 7.19 -5.84 -7.98
C ALA A 132 7.03 -5.30 -6.60
N HIS A 133 5.87 -4.76 -6.29
CA HIS A 133 5.59 -4.36 -4.93
C HIS A 133 4.10 -4.47 -4.66
N GLY A 134 3.73 -4.28 -3.42
CA GLY A 134 2.30 -4.35 -3.13
C GLY A 134 2.03 -3.95 -1.71
N HIS A 135 0.76 -4.06 -1.35
CA HIS A 135 0.30 -3.62 -0.04
C HIS A 135 -0.93 -4.46 0.32
N ILE A 136 -1.06 -4.83 1.59
CA ILE A 136 -2.27 -5.54 2.05
C ILE A 136 -2.72 -4.91 3.36
N ASP A 137 -4.02 -4.76 3.53
CA ASP A 137 -4.55 -4.22 4.75
C ASP A 137 -5.90 -4.89 5.00
N LEU A 138 -6.03 -5.53 6.16
CA LEU A 138 -7.29 -6.18 6.54
C LEU A 138 -7.90 -5.41 7.72
N LEU A 139 -9.21 -5.24 7.74
CA LEU A 139 -9.88 -4.70 8.91
C LEU A 139 -9.84 -5.75 10.05
N PRO A 140 -9.88 -5.30 11.31
CA PRO A 140 -9.71 -6.19 12.45
C PRO A 140 -10.60 -7.42 12.35
N ARG A 141 -11.81 -7.24 11.83
CA ARG A 141 -12.75 -8.36 11.79
C ARG A 141 -12.24 -9.53 10.91
N ALA A 142 -11.25 -9.23 10.05
CA ALA A 142 -10.73 -10.22 9.09
C ALA A 142 -9.31 -10.64 9.41
N GLN A 143 -8.76 -10.08 10.50
CA GLN A 143 -7.40 -10.37 10.98
C GLN A 143 -7.29 -11.65 11.84
N GLY A 144 -6.09 -12.18 11.98
CA GLY A 144 -5.81 -13.21 12.98
C GLY A 144 -6.28 -14.61 12.64
N ARG A 145 -6.74 -14.82 11.40
CA ARG A 145 -7.19 -16.16 11.00
C ARG A 145 -6.78 -16.66 9.61
N GLY A 146 -5.61 -16.21 9.13
CA GLY A 146 -5.04 -16.77 7.89
C GLY A 146 -5.51 -16.11 6.60
N VAL A 147 -6.39 -15.11 6.71
CA VAL A 147 -6.90 -14.45 5.51
C VAL A 147 -5.73 -13.73 4.82
N GLY A 148 -4.85 -13.13 5.62
CA GLY A 148 -3.67 -12.45 5.04
C GLY A 148 -2.73 -13.38 4.31
N SER A 149 -2.59 -14.58 4.87
CA SER A 149 -1.82 -15.63 4.26
C SER A 149 -2.38 -16.01 2.91
N ARG A 150 -3.71 -16.24 2.83
CA ARG A 150 -4.35 -16.63 1.57
C ARG A 150 -4.27 -15.49 0.53
N ALA A 151 -4.49 -14.27 1.02
CA ALA A 151 -4.41 -13.08 0.17
C ALA A 151 -2.98 -12.89 -0.37
N MET A 152 -1.96 -13.06 0.49
CA MET A 152 -0.61 -12.90 0.01
C MET A 152 -0.28 -14.01 -0.98
N ASP A 153 -0.77 -15.22 -0.73
CA ASP A 153 -0.59 -16.29 -1.72
C ASP A 153 -1.11 -15.87 -3.06
N HIS A 154 -2.32 -15.29 -3.08
CA HIS A 154 -2.94 -14.85 -4.33
C HIS A 154 -2.11 -13.78 -5.04
N LEU A 155 -1.66 -12.79 -4.30
CA LEU A 155 -0.92 -11.66 -4.93
C LEU A 155 0.46 -12.11 -5.42
N GLU A 156 1.16 -12.89 -4.59
CA GLU A 156 2.47 -13.40 -4.99
C GLU A 156 2.33 -14.20 -6.25
N ALA A 157 1.27 -15.03 -6.32
CA ALA A 157 1.00 -15.81 -7.54
C ALA A 157 0.67 -14.94 -8.74
N ALA A 158 -0.10 -13.86 -8.54
CA ALA A 158 -0.50 -13.03 -9.68
C ALA A 158 0.70 -12.29 -10.24
N LEU A 159 1.60 -11.88 -9.35
CA LEU A 159 2.78 -11.12 -9.76
C LEU A 159 3.77 -12.06 -10.40
N ALA A 160 3.92 -13.26 -9.85
CA ALA A 160 4.73 -14.30 -10.47
C ALA A 160 4.21 -14.64 -11.87
N ALA A 161 2.90 -14.70 -12.05
CA ALA A 161 2.34 -15.07 -13.36
C ALA A 161 2.63 -13.97 -14.37
N ALA A 162 2.83 -12.74 -13.89
CA ALA A 162 3.17 -11.63 -14.78
C ALA A 162 4.67 -11.58 -15.06
N GLY A 163 5.42 -12.50 -14.47
CA GLY A 163 6.85 -12.59 -14.75
C GLY A 163 7.75 -11.89 -13.77
N ALA A 164 7.18 -11.30 -12.72
CA ALA A 164 7.99 -10.64 -11.70
C ALA A 164 8.87 -11.63 -10.95
N PRO A 165 10.19 -11.37 -10.88
CA PRO A 165 11.08 -12.30 -10.19
C PRO A 165 11.16 -12.12 -8.68
N GLY A 166 10.63 -11.00 -8.17
CA GLY A 166 10.70 -10.71 -6.76
C GLY A 166 9.77 -9.56 -6.47
N MET A 167 9.39 -9.40 -5.20
CA MET A 167 8.61 -8.24 -4.81
C MET A 167 9.13 -7.66 -3.49
N HIS A 168 8.92 -6.37 -3.27
CA HIS A 168 9.25 -5.77 -1.99
C HIS A 168 8.01 -5.14 -1.45
N LEU A 169 8.01 -4.88 -0.15
CA LEU A 169 6.89 -4.22 0.50
C LEU A 169 7.47 -3.35 1.58
N GLN A 170 6.82 -2.22 1.81
CA GLN A 170 7.25 -1.32 2.87
C GLN A 170 6.37 -1.48 4.10
N VAL A 171 7.01 -1.57 5.28
CA VAL A 171 6.32 -1.81 6.53
C VAL A 171 6.88 -0.84 7.57
N SER A 172 6.01 -0.27 8.40
CA SER A 172 6.49 0.61 9.46
C SER A 172 7.26 -0.16 10.53
N PRO A 173 8.36 0.43 11.04
CA PRO A 173 9.06 -0.22 12.13
C PRO A 173 8.16 -0.38 13.36
N GLU A 174 7.08 0.39 13.44
CA GLU A 174 6.18 0.29 14.57
C GLU A 174 5.05 -0.68 14.29
N ASN A 175 5.22 -1.51 13.27
CA ASN A 175 4.22 -2.55 12.97
C ASN A 175 4.90 -3.90 13.07
N PRO A 176 5.29 -4.28 14.30
CA PRO A 176 6.04 -5.53 14.41
C PRO A 176 5.17 -6.73 14.09
N ARG A 177 3.86 -6.62 14.21
CA ARG A 177 3.01 -7.73 13.81
C ARG A 177 3.16 -8.05 12.30
N ALA A 178 3.14 -7.00 11.48
CA ALA A 178 3.28 -7.20 10.06
C ALA A 178 4.68 -7.65 9.76
N LEU A 179 5.68 -7.04 10.41
CA LEU A 179 7.04 -7.54 10.22
C LEU A 179 7.16 -9.03 10.50
N GLY A 180 6.56 -9.50 11.60
CA GLY A 180 6.62 -10.92 11.94
C GLY A 180 5.84 -11.75 10.95
N PHE A 181 4.71 -11.21 10.52
CA PHE A 181 3.91 -11.88 9.49
C PHE A 181 4.73 -12.17 8.25
N TYR A 182 5.51 -11.19 7.77
CA TYR A 182 6.24 -11.40 6.52
C TYR A 182 7.47 -12.29 6.68
N GLU A 183 8.16 -12.12 7.79
CA GLU A 183 9.28 -13.00 8.13
C GLU A 183 8.83 -14.46 8.08
N HIS A 184 7.65 -14.72 8.61
CA HIS A 184 7.12 -16.08 8.69
C HIS A 184 6.87 -16.64 7.29
N ARG A 185 6.60 -15.75 6.34
CA ARG A 185 6.36 -16.12 4.92
C ARG A 185 7.62 -16.20 4.09
N GLY A 186 8.77 -15.97 4.70
CA GLY A 186 10.02 -16.10 3.97
C GLY A 186 10.47 -14.83 3.28
N PHE A 187 9.95 -13.70 3.73
CA PHE A 187 10.45 -12.41 3.28
C PHE A 187 11.67 -12.03 4.11
N ARG A 188 12.70 -11.45 3.48
CA ARG A 188 13.82 -10.97 4.26
C ARG A 188 13.81 -9.45 4.31
N GLU A 189 14.44 -8.89 5.35
CA GLU A 189 14.57 -7.46 5.47
C GLU A 189 15.62 -6.98 4.48
N LEU A 190 15.23 -6.07 3.59
CA LEU A 190 16.12 -5.51 2.58
C LEU A 190 16.81 -4.23 3.05
N CYS A 191 16.10 -3.41 3.81
CA CYS A 191 16.69 -2.22 4.40
C CYS A 191 15.81 -1.72 5.53
N ARG A 192 16.39 -0.88 6.38
CA ARG A 192 15.69 -0.42 7.56
C ARG A 192 16.17 0.96 7.97
N SER A 193 15.22 1.84 8.23
CA SER A 193 15.52 3.19 8.70
C SER A 193 14.68 3.35 9.94
N GLU A 194 14.78 4.48 10.63
CA GLU A 194 13.93 4.67 11.81
C GLU A 194 12.46 4.84 11.40
N ASP A 195 12.22 5.12 10.13
CA ASP A 195 10.88 5.39 9.64
C ASP A 195 10.25 4.26 8.83
N GLU A 196 11.05 3.32 8.37
CA GLU A 196 10.50 2.33 7.44
C GLU A 196 11.37 1.09 7.29
N VAL A 197 10.72 -0.05 7.11
CA VAL A 197 11.45 -1.29 6.85
C VAL A 197 10.96 -1.78 5.51
N VAL A 198 11.87 -2.26 4.67
CA VAL A 198 11.45 -2.82 3.40
C VAL A 198 11.83 -4.29 3.41
N VAL A 199 10.87 -5.15 3.08
CA VAL A 199 11.09 -6.59 3.10
C VAL A 199 10.89 -7.11 1.70
N GLY A 200 11.49 -8.22 1.37
CA GLY A 200 11.38 -8.73 0.00
C GLY A 200 11.34 -10.25 -0.04
N ARG A 201 10.90 -10.79 -1.18
CA ARG A 201 10.92 -12.23 -1.39
C ARG A 201 11.08 -12.48 -2.88
N ARG A 202 11.86 -13.49 -3.26
CA ARG A 202 11.93 -13.86 -4.67
C ARG A 202 10.71 -14.68 -5.01
N LEU A 203 10.24 -14.61 -6.26
CA LEU A 203 8.92 -15.16 -6.63
C LEU A 203 8.97 -16.32 -7.64
N LEU A 204 10.11 -16.53 -8.29
CA LEU A 204 10.17 -17.51 -9.38
C LEU A 204 11.18 -18.62 -9.07
#